data_9CJN
#
_entry.id   9CJN
#
_cell.length_a   69.850
_cell.length_b   96.230
_cell.length_c   129.040
_cell.angle_alpha   90.000
_cell.angle_beta   90.000
_cell.angle_gamma   90.000
#
_symmetry.space_group_name_H-M   'P 21 21 21'
#
loop_
_entity.id
_entity.type
_entity.pdbx_description
1 polymer 'Ligase Cp1B'
2 non-polymer '2-(N-MORPHOLINO)-ETHANESULFONIC ACID'
3 non-polymer ADENOSINE
4 non-polymer DI(HYDROXYETHYL)ETHER
5 water water
#
_entity_poly.entity_id   1
_entity_poly.type   'polypeptide(L)'
_entity_poly.pdbx_seq_one_letter_code
;HHHHHHSSGLVPRGSMKIPAPQQLQQLHVSLDGGHYEPVTTFDPAKATYLQDQEALQENLLRLCSVNGWHKSSRAACSPR
PVLVSSEHQRRWRELHEALVLAITDIVERWLTDPEARFPERMPLEPEEEDLLRWIDEQVPHNLPQYRDCRGSWRPDFLVE
EENSEDGSGPVENFRISEINARFSFNGFMFATCGQQAIHDMGICDNGNGLVGATDPAKILKGLLRLFQPGLPLHLLKGDE
AGVDIHMLVDFLDRYLGITPRFIMPADLRLLHEPQAKGGYKLCCVVKNPDSCDPATLIYHDGDILEEIHQVGLELHQREI
RALEPEMLRQISLRCFNDMRTILLVHDKRMLGIVRQELENLVARNVLTLSQAKILDKGIPETILPGSLDLDQAIARCKEM
PELKDEYILKPIRSGKGDGIVFGEDLNSEEWISRLEGLRSAQLIPGGGTCIVQRKVKQLLYDVVLRPTGVKTRYPLIGTY
HSINGEFLGVGVWRSSPDRICAISHGGAWTVSVMRDE
;
_entity_poly.pdbx_strand_id   A
#
# COMPACT_ATOMS: atom_id res chain seq x y z
N ALA A 20 13.37 -15.46 -25.48
CA ALA A 20 12.88 -15.49 -24.09
C ALA A 20 12.96 -14.11 -23.40
N PRO A 21 11.91 -13.76 -22.65
CA PRO A 21 11.88 -12.44 -22.00
C PRO A 21 12.90 -12.33 -20.87
N GLN A 22 13.51 -11.14 -20.76
CA GLN A 22 14.38 -10.81 -19.65
C GLN A 22 13.64 -11.01 -18.32
N GLN A 23 14.27 -11.76 -17.40
CA GLN A 23 13.70 -12.04 -16.09
C GLN A 23 14.17 -11.04 -15.05
N LEU A 24 13.39 -10.91 -13.98
CA LEU A 24 13.86 -10.22 -12.79
C LEU A 24 15.10 -10.94 -12.26
N GLN A 25 16.06 -10.16 -11.78
CA GLN A 25 17.31 -10.73 -11.27
C GLN A 25 18.00 -9.64 -10.46
N GLN A 26 18.86 -10.08 -9.55
CA GLN A 26 19.58 -9.17 -8.68
C GLN A 26 21.01 -9.04 -9.20
N LEU A 27 21.55 -7.84 -9.15
CA LEU A 27 22.85 -7.57 -9.75
C LEU A 27 23.84 -7.20 -8.66
N HIS A 28 25.07 -7.67 -8.80
CA HIS A 28 26.18 -7.06 -8.09
C HIS A 28 26.71 -5.92 -8.95
N VAL A 29 27.12 -4.83 -8.30
CA VAL A 29 27.54 -3.61 -8.98
C VAL A 29 28.77 -3.08 -8.25
N SER A 30 29.93 -3.09 -8.92
CA SER A 30 31.17 -2.61 -8.29
C SER A 30 31.09 -1.12 -8.01
N LEU A 31 31.34 -0.72 -6.75
CA LEU A 31 31.24 0.69 -6.43
C LEU A 31 32.45 1.48 -6.91
N ASP A 32 33.55 0.82 -7.26
CA ASP A 32 34.70 1.52 -7.80
C ASP A 32 34.82 1.16 -9.29
N GLY A 33 33.87 1.65 -10.08
CA GLY A 33 33.93 1.45 -11.52
C GLY A 33 32.59 1.14 -12.15
N GLY A 34 31.66 0.64 -11.35
CA GLY A 34 30.29 0.49 -11.80
C GLY A 34 29.96 -0.76 -12.56
N HIS A 35 30.93 -1.65 -12.80
CA HIS A 35 30.66 -2.87 -13.55
C HIS A 35 29.62 -3.71 -12.84
N TYR A 36 28.60 -4.13 -13.58
CA TYR A 36 27.54 -4.91 -12.99
C TYR A 36 27.53 -6.31 -13.59
N GLU A 37 26.93 -7.24 -12.84
CA GLU A 37 26.93 -8.66 -13.14
C GLU A 37 25.80 -9.28 -12.35
N PRO A 38 25.08 -10.25 -12.91
CA PRO A 38 24.04 -10.92 -12.11
C PRO A 38 24.64 -11.67 -10.92
N VAL A 39 23.86 -11.68 -9.83
CA VAL A 39 24.27 -12.35 -8.61
C VAL A 39 24.44 -13.85 -8.83
N THR A 40 23.64 -14.43 -9.74
CA THR A 40 23.76 -15.85 -10.05
C THR A 40 25.17 -16.20 -10.51
N THR A 41 25.87 -15.24 -11.08
CA THR A 41 27.10 -15.47 -11.83
C THR A 41 28.30 -14.82 -11.21
N PHE A 42 28.12 -13.74 -10.46
CA PHE A 42 29.22 -13.02 -9.83
C PHE A 42 30.07 -13.94 -8.97
N ASP A 43 31.36 -14.01 -9.28
CA ASP A 43 32.30 -14.64 -8.36
C ASP A 43 32.59 -13.65 -7.23
N PRO A 44 32.12 -13.92 -6.01
CA PRO A 44 32.34 -12.97 -4.91
C PRO A 44 33.70 -13.09 -4.24
N ALA A 45 34.61 -13.89 -4.78
CA ALA A 45 35.90 -14.15 -4.13
C ALA A 45 36.62 -12.89 -3.70
N LYS A 46 36.41 -11.76 -4.39
CA LYS A 46 37.04 -10.51 -4.01
C LYS A 46 36.01 -9.40 -3.82
N ALA A 47 34.79 -9.74 -3.39
CA ALA A 47 33.75 -8.75 -3.16
C ALA A 47 34.08 -7.90 -1.93
N THR A 48 33.46 -6.72 -1.86
CA THR A 48 33.66 -5.87 -0.70
C THR A 48 32.33 -5.53 0.00
N TYR A 49 31.54 -6.55 0.36
CA TYR A 49 30.17 -6.32 0.81
C TYR A 49 30.09 -5.41 2.03
N LEU A 50 31.02 -5.56 2.97
CA LEU A 50 30.99 -4.75 4.18
C LEU A 50 31.15 -3.28 3.84
N GLN A 51 32.15 -2.94 3.03
CA GLN A 51 32.34 -1.54 2.69
C GLN A 51 31.28 -1.04 1.73
N ASP A 52 30.70 -1.91 0.90
CA ASP A 52 29.53 -1.52 0.15
C ASP A 52 28.39 -1.15 1.10
N GLN A 53 28.22 -1.93 2.17
CA GLN A 53 27.13 -1.71 3.10
C GLN A 53 27.27 -0.37 3.82
N GLU A 54 28.49 -0.02 4.23
CA GLU A 54 28.69 1.23 4.94
C GLU A 54 28.48 2.42 4.01
N ALA A 55 28.96 2.33 2.77
CA ALA A 55 28.70 3.42 1.83
C ALA A 55 27.19 3.62 1.66
N LEU A 56 26.44 2.52 1.49
CA LEU A 56 25.00 2.62 1.31
C LEU A 56 24.35 3.32 2.49
N GLN A 57 24.75 2.94 3.72
CA GLN A 57 24.07 3.45 4.89
C GLN A 57 24.37 4.92 5.11
N GLU A 58 25.60 5.37 4.82
CA GLU A 58 25.89 6.79 4.85
C GLU A 58 24.98 7.53 3.88
N ASN A 59 24.88 7.03 2.64
CA ASN A 59 24.11 7.73 1.61
C ASN A 59 22.63 7.80 1.94
N LEU A 60 22.09 6.77 2.61
CA LEU A 60 20.68 6.79 2.99
C LEU A 60 20.34 7.90 3.99
N LEU A 61 21.34 8.55 4.59
CA LEU A 61 21.09 9.65 5.51
C LEU A 61 20.86 10.99 4.82
N ARG A 62 20.91 11.04 3.49
CA ARG A 62 20.82 12.32 2.80
C ARG A 62 19.43 12.95 2.92
N LEU A 63 18.38 12.26 2.47
CA LEU A 63 17.03 12.82 2.55
C LEU A 63 16.43 12.69 3.95
N CYS A 64 16.90 11.75 4.75
CA CYS A 64 16.34 11.50 6.05
C CYS A 64 17.50 11.36 7.02
N SER A 65 17.50 12.16 8.08
CA SER A 65 18.53 12.06 9.10
C SER A 65 18.31 10.81 9.97
N VAL A 66 19.33 10.50 10.79
CA VAL A 66 19.24 9.39 11.74
C VAL A 66 18.07 9.58 12.67
N ASN A 67 17.64 10.83 12.85
CA ASN A 67 16.47 11.11 13.68
C ASN A 67 15.23 10.42 13.15
N GLY A 68 15.00 10.47 11.83
CA GLY A 68 13.78 9.94 11.26
C GLY A 68 13.83 8.49 10.87
N TRP A 69 15.00 7.88 10.86
CA TRP A 69 15.18 6.50 10.46
C TRP A 69 15.06 5.59 11.66
N HIS A 70 14.60 4.37 11.41
CA HIS A 70 14.93 3.24 12.27
C HIS A 70 16.26 2.68 11.80
N LYS A 71 17.24 2.58 12.70
CA LYS A 71 18.54 2.05 12.28
C LYS A 71 18.41 0.63 11.71
N SER A 72 17.55 -0.20 12.30
CA SER A 72 17.20 -1.49 11.71
C SER A 72 16.93 -1.41 10.22
N SER A 73 16.01 -0.53 9.84
CA SER A 73 15.53 -0.53 8.46
C SER A 73 16.58 0.01 7.51
N ARG A 74 17.31 1.05 7.92
CA ARG A 74 18.41 1.55 7.12
C ARG A 74 19.50 0.49 6.94
N ALA A 75 19.63 -0.46 7.86
CA ALA A 75 20.69 -1.46 7.73
C ALA A 75 20.27 -2.69 6.93
N ALA A 76 18.97 -2.92 6.76
CA ALA A 76 18.44 -4.05 6.03
C ALA A 76 18.45 -3.83 4.53
N CYS A 77 18.87 -2.64 4.09
CA CYS A 77 18.95 -2.29 2.69
C CYS A 77 20.18 -2.95 2.07
N SER A 78 20.05 -3.36 0.79
CA SER A 78 21.10 -4.04 0.05
C SER A 78 21.59 -3.20 -1.11
N PRO A 79 22.88 -3.00 -1.26
CA PRO A 79 23.41 -2.27 -2.42
C PRO A 79 23.37 -3.07 -3.73
N ARG A 80 22.74 -4.25 -3.72
CA ARG A 80 22.65 -5.09 -4.91
C ARG A 80 21.23 -5.03 -5.46
N PRO A 81 20.95 -4.16 -6.44
CA PRO A 81 19.57 -3.88 -6.85
C PRO A 81 18.94 -5.00 -7.66
N VAL A 82 17.62 -4.90 -7.81
CA VAL A 82 16.85 -5.77 -8.71
C VAL A 82 16.74 -5.11 -10.08
N LEU A 83 17.11 -5.86 -11.12
CA LEU A 83 16.97 -5.42 -12.50
C LEU A 83 15.55 -5.69 -12.99
N VAL A 84 14.85 -4.65 -13.43
CA VAL A 84 13.52 -4.82 -13.99
C VAL A 84 13.57 -4.45 -15.47
N SER A 85 12.66 -5.03 -16.25
CA SER A 85 12.64 -4.81 -17.69
C SER A 85 11.52 -3.85 -18.09
N SER A 86 11.63 -3.30 -19.30
CA SER A 86 10.59 -2.41 -19.79
C SER A 86 9.27 -3.14 -20.01
N GLU A 87 9.31 -4.46 -20.22
CA GLU A 87 8.07 -5.25 -20.23
C GLU A 87 7.47 -5.34 -18.84
N HIS A 88 8.30 -5.54 -17.81
CA HIS A 88 7.78 -5.55 -16.46
C HIS A 88 7.07 -4.24 -16.16
N GLN A 89 7.66 -3.12 -16.60
CA GLN A 89 7.10 -1.80 -16.34
C GLN A 89 5.77 -1.61 -17.07
N ARG A 90 5.72 -2.00 -18.33
CA ARG A 90 4.48 -1.93 -19.08
C ARG A 90 3.40 -2.77 -18.42
N ARG A 91 3.78 -3.96 -17.93
CA ARG A 91 2.84 -4.83 -17.23
C ARG A 91 2.29 -4.15 -15.99
N TRP A 92 3.17 -3.63 -15.13
CA TRP A 92 2.69 -3.00 -13.90
C TRP A 92 1.77 -1.83 -14.20
N ARG A 93 2.18 -0.95 -15.11
CA ARG A 93 1.36 0.21 -15.45
C ARG A 93 0.00 -0.19 -16.01
N GLU A 94 -0.05 -1.25 -16.84
CA GLU A 94 -1.33 -1.66 -17.41
C GLU A 94 -2.25 -2.25 -16.34
N LEU A 95 -1.72 -3.16 -15.53
CA LEU A 95 -2.51 -3.69 -14.42
C LEU A 95 -3.08 -2.55 -13.58
N HIS A 96 -2.28 -1.52 -13.36
CA HIS A 96 -2.72 -0.42 -12.51
C HIS A 96 -3.84 0.36 -13.16
N GLU A 97 -3.73 0.63 -14.45
CA GLU A 97 -4.76 1.41 -15.10
C GLU A 97 -6.11 0.69 -15.01
N ALA A 98 -6.11 -0.63 -15.27
CA ALA A 98 -7.33 -1.39 -15.16
C ALA A 98 -7.85 -1.42 -13.72
N LEU A 99 -6.95 -1.57 -12.75
CA LEU A 99 -7.33 -1.59 -11.34
C LEU A 99 -8.03 -0.29 -10.94
N VAL A 100 -7.38 0.84 -11.20
CA VAL A 100 -7.94 2.16 -10.86
C VAL A 100 -9.34 2.31 -11.44
N LEU A 101 -9.53 1.92 -12.71
CA LEU A 101 -10.84 2.08 -13.35
C LEU A 101 -11.90 1.23 -12.66
N ALA A 102 -11.58 -0.03 -12.38
CA ALA A 102 -12.55 -0.94 -11.77
C ALA A 102 -12.92 -0.47 -10.37
N ILE A 103 -11.91 -0.27 -9.51
CA ILE A 103 -12.18 0.08 -8.11
C ILE A 103 -12.83 1.45 -7.99
N THR A 104 -12.44 2.41 -8.86
CA THR A 104 -13.10 3.72 -8.80
C THR A 104 -14.58 3.61 -9.10
N ASP A 105 -14.94 2.84 -10.14
CA ASP A 105 -16.33 2.69 -10.50
C ASP A 105 -17.11 2.00 -9.39
N ILE A 106 -16.51 0.96 -8.79
CA ILE A 106 -17.17 0.25 -7.70
C ILE A 106 -17.41 1.17 -6.51
N VAL A 107 -16.40 1.97 -6.14
CA VAL A 107 -16.54 2.82 -4.95
C VAL A 107 -17.63 3.86 -5.18
N GLU A 108 -17.64 4.49 -6.35
CA GLU A 108 -18.66 5.49 -6.66
C GLU A 108 -20.06 4.89 -6.70
N ARG A 109 -20.16 3.59 -6.95
CA ARG A 109 -21.42 2.88 -7.00
C ARG A 109 -21.80 2.22 -5.69
N TRP A 110 -20.98 2.34 -4.64
CA TRP A 110 -21.14 1.49 -3.47
C TRP A 110 -22.56 1.55 -2.90
N LEU A 111 -23.10 2.75 -2.66
CA LEU A 111 -24.45 2.92 -2.13
C LEU A 111 -25.43 3.52 -3.13
N THR A 112 -24.97 3.97 -4.29
CA THR A 112 -25.82 4.63 -5.26
C THR A 112 -26.33 3.69 -6.34
N ASP A 113 -25.76 2.49 -6.46
CA ASP A 113 -26.30 1.43 -7.31
C ASP A 113 -26.87 0.33 -6.42
N PRO A 114 -28.04 0.53 -5.81
CA PRO A 114 -28.53 -0.45 -4.82
C PRO A 114 -28.73 -1.85 -5.37
N GLU A 115 -29.20 -1.98 -6.62
CA GLU A 115 -29.38 -3.30 -7.22
C GLU A 115 -28.09 -4.11 -7.30
N ALA A 116 -26.93 -3.47 -7.13
CA ALA A 116 -25.66 -4.19 -7.12
C ALA A 116 -25.38 -4.88 -5.78
N ARG A 117 -26.00 -4.44 -4.69
CA ARG A 117 -25.90 -5.08 -3.37
C ARG A 117 -24.46 -5.09 -2.82
N PHE A 118 -23.66 -4.07 -3.08
CA PHE A 118 -22.30 -4.08 -2.54
C PHE A 118 -22.25 -4.21 -1.03
N PRO A 119 -22.96 -3.40 -0.23
CA PRO A 119 -22.84 -3.57 1.23
C PRO A 119 -23.32 -4.93 1.73
N GLU A 120 -24.19 -5.62 0.99
CA GLU A 120 -24.54 -6.98 1.39
C GLU A 120 -23.51 -8.00 0.95
N ARG A 121 -22.75 -7.71 -0.12
CA ARG A 121 -21.67 -8.59 -0.55
C ARG A 121 -20.39 -8.37 0.25
N MET A 122 -20.15 -7.15 0.71
CA MET A 122 -18.97 -6.81 1.52
C MET A 122 -19.43 -5.92 2.67
N PRO A 123 -19.96 -6.50 3.73
CA PRO A 123 -20.47 -5.69 4.83
C PRO A 123 -19.33 -5.05 5.63
N LEU A 124 -19.53 -3.79 5.99
CA LEU A 124 -18.65 -3.07 6.91
C LEU A 124 -19.36 -2.91 8.25
N GLU A 125 -18.67 -2.40 9.27
CA GLU A 125 -19.34 -2.16 10.54
C GLU A 125 -20.45 -1.13 10.36
N PRO A 126 -21.57 -1.24 11.11
CA PRO A 126 -22.69 -0.33 10.86
C PRO A 126 -22.33 1.15 10.99
N GLU A 127 -21.52 1.55 11.96
CA GLU A 127 -21.18 2.97 12.03
C GLU A 127 -20.29 3.40 10.87
N GLU A 128 -19.62 2.46 10.21
CA GLU A 128 -18.85 2.75 9.01
C GLU A 128 -19.76 2.93 7.79
N GLU A 129 -20.76 2.06 7.63
CA GLU A 129 -21.72 2.21 6.56
C GLU A 129 -22.58 3.45 6.76
N ASP A 130 -22.84 3.85 8.01
CA ASP A 130 -23.48 5.13 8.24
C ASP A 130 -22.59 6.27 7.79
N LEU A 131 -21.28 6.17 8.04
CA LEU A 131 -20.35 7.20 7.63
C LEU A 131 -20.31 7.33 6.11
N LEU A 132 -20.19 6.20 5.40
CA LEU A 132 -20.17 6.24 3.95
C LEU A 132 -21.43 6.91 3.41
N ARG A 133 -22.58 6.58 4.00
CA ARG A 133 -23.84 7.15 3.52
C ARG A 133 -23.92 8.65 3.80
N TRP A 134 -23.35 9.10 4.92
CA TRP A 134 -23.24 10.53 5.14
C TRP A 134 -22.33 11.17 4.09
N ILE A 135 -21.24 10.48 3.72
CA ILE A 135 -20.30 11.03 2.74
C ILE A 135 -20.99 11.23 1.40
N ASP A 136 -21.79 10.25 0.96
CA ASP A 136 -22.54 10.37 -0.28
C ASP A 136 -23.40 11.62 -0.32
N GLU A 137 -23.94 12.05 0.84
CA GLU A 137 -24.70 13.28 0.95
C GLU A 137 -23.85 14.53 0.79
N GLN A 138 -22.52 14.42 0.89
CA GLN A 138 -21.64 15.57 0.78
C GLN A 138 -21.10 15.79 -0.64
N VAL A 139 -21.27 14.82 -1.54
CA VAL A 139 -20.68 14.87 -2.87
C VAL A 139 -21.60 15.65 -3.81
N PRO A 140 -21.07 16.54 -4.67
CA PRO A 140 -19.66 16.94 -4.81
C PRO A 140 -19.35 18.30 -4.17
N HIS A 141 -20.27 18.83 -3.38
CA HIS A 141 -20.12 20.19 -2.89
C HIS A 141 -19.27 20.28 -1.64
N ASN A 142 -19.29 19.26 -0.76
CA ASN A 142 -18.45 19.27 0.43
C ASN A 142 -17.34 18.24 0.40
N LEU A 143 -17.47 17.21 -0.41
CA LEU A 143 -16.44 16.21 -0.65
C LEU A 143 -16.52 15.85 -2.12
N PRO A 144 -15.39 15.51 -2.74
CA PRO A 144 -15.42 15.24 -4.18
C PRO A 144 -16.08 13.91 -4.49
N GLN A 145 -16.48 13.77 -5.74
CA GLN A 145 -16.71 12.42 -6.24
C GLN A 145 -15.40 11.64 -6.16
N TYR A 146 -15.52 10.31 -5.95
CA TYR A 146 -14.33 9.54 -5.55
C TYR A 146 -13.21 9.60 -6.58
N ARG A 147 -13.54 9.67 -7.87
CA ARG A 147 -12.52 9.78 -8.91
C ARG A 147 -11.52 10.90 -8.62
N ASP A 148 -11.92 11.94 -7.88
CA ASP A 148 -11.08 13.12 -7.67
C ASP A 148 -10.27 13.10 -6.38
N CYS A 149 -10.39 12.07 -5.54
CA CYS A 149 -9.68 12.08 -4.26
C CYS A 149 -9.28 10.66 -3.84
N ARG A 150 -8.70 9.88 -4.77
CA ARG A 150 -8.38 8.49 -4.47
C ARG A 150 -7.26 8.36 -3.45
N GLY A 151 -6.34 9.32 -3.40
CA GLY A 151 -5.30 9.29 -2.39
C GLY A 151 -4.16 8.31 -2.68
N SER A 152 -3.54 7.85 -1.60
CA SER A 152 -2.34 7.04 -1.65
C SER A 152 -2.70 5.56 -1.56
N TRP A 153 -2.37 4.79 -2.61
CA TRP A 153 -2.51 3.34 -2.60
C TRP A 153 -1.15 2.73 -2.88
N ARG A 154 -0.85 1.59 -2.24
CA ARG A 154 0.39 0.86 -2.50
C ARG A 154 0.12 -0.63 -2.59
N PRO A 155 -0.16 -1.13 -3.80
CA PRO A 155 -0.38 -2.58 -3.95
C PRO A 155 0.89 -3.38 -3.77
N ASP A 156 0.73 -4.59 -3.24
CA ASP A 156 1.79 -5.59 -3.13
C ASP A 156 1.53 -6.70 -4.15
N PHE A 157 2.57 -7.20 -4.79
CA PHE A 157 2.34 -8.29 -5.72
C PHE A 157 3.39 -9.38 -5.53
N LEU A 158 2.98 -10.60 -5.81
CA LEU A 158 3.86 -11.75 -5.92
C LEU A 158 4.12 -12.06 -7.39
N VAL A 159 5.13 -12.91 -7.61
CA VAL A 159 5.61 -13.23 -8.96
C VAL A 159 5.46 -14.72 -9.17
N GLU A 160 4.65 -15.11 -10.15
CA GLU A 160 4.49 -16.51 -10.54
C GLU A 160 4.82 -16.70 -12.03
N GLU A 161 4.89 -17.97 -12.42
CA GLU A 161 5.13 -18.36 -13.81
C GLU A 161 3.82 -18.62 -14.54
N GLU A 162 3.85 -18.39 -15.85
CA GLU A 162 2.68 -18.52 -16.70
C GLU A 162 3.14 -18.88 -18.11
N ASN A 163 2.48 -19.85 -18.74
CA ASN A 163 2.80 -20.22 -20.13
C ASN A 163 2.11 -19.21 -21.05
N SER A 164 2.91 -18.35 -21.68
CA SER A 164 2.39 -17.33 -22.59
C SER A 164 1.96 -17.97 -23.90
N ASP A 166 1.38 -18.68 -26.79
CA ASP A 166 1.90 -17.73 -27.75
C ASP A 166 3.43 -17.69 -27.68
N GLY A 167 3.96 -16.97 -26.70
CA GLY A 167 5.40 -16.88 -26.50
C GLY A 167 6.09 -18.22 -26.34
N SER A 168 5.33 -19.30 -26.13
CA SER A 168 5.86 -20.67 -26.11
C SER A 168 6.96 -20.84 -25.07
N GLY A 169 6.95 -20.02 -24.03
CA GLY A 169 7.92 -20.09 -22.98
C GLY A 169 7.36 -19.60 -21.66
N PRO A 170 8.15 -19.68 -20.60
CA PRO A 170 7.70 -19.17 -19.29
C PRO A 170 7.88 -17.66 -19.20
N VAL A 171 6.83 -16.98 -18.77
CA VAL A 171 6.85 -15.54 -18.57
C VAL A 171 6.41 -15.25 -17.14
N GLU A 172 6.96 -14.17 -16.57
CA GLU A 172 6.65 -13.81 -15.20
C GLU A 172 5.29 -13.14 -15.14
N ASN A 173 4.46 -13.55 -14.18
CA ASN A 173 3.13 -12.98 -13.96
C ASN A 173 3.04 -12.36 -12.57
N PHE A 174 2.45 -11.16 -12.48
CA PHE A 174 2.32 -10.43 -11.22
C PHE A 174 0.89 -10.50 -10.72
N ARG A 175 0.72 -10.98 -9.49
CA ARG A 175 -0.58 -11.08 -8.83
C ARG A 175 -0.58 -10.14 -7.63
N ILE A 176 -1.53 -9.20 -7.62
CA ILE A 176 -1.69 -8.30 -6.48
C ILE A 176 -2.29 -9.06 -5.31
N SER A 177 -1.60 -9.06 -4.17
CA SER A 177 -2.12 -9.76 -3.01
C SER A 177 -2.92 -8.84 -2.09
N GLU A 178 -2.65 -7.54 -2.11
CA GLU A 178 -3.32 -6.60 -1.21
C GLU A 178 -2.99 -5.19 -1.66
N ILE A 179 -3.91 -4.28 -1.41
CA ILE A 179 -3.73 -2.85 -1.62
C ILE A 179 -3.59 -2.19 -0.26
N ASN A 180 -2.47 -1.52 -0.02
CA ASN A 180 -2.24 -0.83 1.24
C ASN A 180 -2.71 0.61 1.11
N ALA A 181 -3.85 0.93 1.75
CA ALA A 181 -4.45 2.24 1.54
C ALA A 181 -5.10 2.83 2.78
N ARG A 182 -4.87 2.31 3.97
CA ARG A 182 -5.38 3.07 5.10
C ARG A 182 -4.35 4.05 5.62
N PHE A 183 -3.06 3.72 5.56
CA PHE A 183 -2.00 4.68 5.80
C PHE A 183 -1.56 5.27 4.48
N SER A 184 -1.00 6.47 4.51
CA SER A 184 -0.68 7.14 3.25
C SER A 184 0.78 7.09 2.84
N PHE A 185 1.69 6.71 3.74
CA PHE A 185 3.11 6.93 3.51
C PHE A 185 3.97 5.69 3.46
N ASN A 186 3.48 4.54 3.93
CA ASN A 186 4.37 3.39 4.09
C ASN A 186 4.90 2.89 2.74
N GLY A 187 6.23 2.76 2.66
CA GLY A 187 6.91 2.40 1.44
C GLY A 187 7.42 3.58 0.64
N PHE A 188 6.75 4.74 0.71
CA PHE A 188 7.10 5.87 -0.16
C PHE A 188 8.48 6.40 0.15
N MET A 189 8.80 6.62 1.41
CA MET A 189 10.10 7.21 1.74
C MET A 189 11.23 6.19 1.59
N PHE A 190 10.95 4.90 1.77
CA PHE A 190 11.97 3.88 1.51
C PHE A 190 12.36 3.86 0.04
N ALA A 191 11.38 3.90 -0.86
CA ALA A 191 11.69 3.92 -2.29
C ALA A 191 12.42 5.21 -2.66
N THR A 192 11.97 6.35 -2.14
CA THR A 192 12.63 7.63 -2.42
C THR A 192 14.07 7.61 -1.95
N CYS A 193 14.30 7.23 -0.69
CA CYS A 193 15.64 7.25 -0.13
C CYS A 193 16.54 6.23 -0.81
N GLY A 194 16.03 5.02 -1.06
CA GLY A 194 16.85 4.00 -1.67
C GLY A 194 17.24 4.32 -3.11
N GLN A 195 16.26 4.76 -3.92
CA GLN A 195 16.61 5.13 -5.30
C GLN A 195 17.58 6.30 -5.31
N GLN A 196 17.46 7.23 -4.37
CA GLN A 196 18.37 8.37 -4.39
C GLN A 196 19.76 7.96 -3.94
N ALA A 197 19.85 6.92 -3.12
CA ALA A 197 21.15 6.48 -2.61
C ALA A 197 21.94 5.76 -3.70
N ILE A 198 21.36 4.73 -4.30
CA ILE A 198 22.10 4.03 -5.34
C ILE A 198 22.40 4.93 -6.52
N HIS A 199 21.63 6.00 -6.71
CA HIS A 199 22.04 7.03 -7.66
C HIS A 199 23.25 7.80 -7.14
N ASP A 200 23.18 8.30 -5.90
CA ASP A 200 24.33 9.05 -5.38
C ASP A 200 25.59 8.20 -5.37
N MET A 201 25.46 6.89 -5.14
CA MET A 201 26.61 6.01 -5.11
C MET A 201 27.15 5.69 -6.50
N GLY A 202 26.39 6.01 -7.55
CA GLY A 202 26.80 5.68 -8.90
C GLY A 202 26.43 4.29 -9.37
N ILE A 203 25.64 3.53 -8.60
CA ILE A 203 25.20 2.21 -9.02
C ILE A 203 24.41 2.30 -10.31
N CYS A 204 23.55 3.32 -10.44
CA CYS A 204 22.83 3.62 -11.69
C CYS A 204 23.07 5.08 -12.09
N ASP A 205 22.78 5.38 -13.36
CA ASP A 205 22.78 6.75 -13.91
C ASP A 205 24.17 7.37 -14.09
N ASN A 206 25.25 6.60 -13.92
CA ASN A 206 26.59 7.16 -13.96
C ASN A 206 27.44 6.53 -15.05
N GLY A 207 26.80 5.90 -16.04
CA GLY A 207 27.51 5.46 -17.22
C GLY A 207 27.94 4.01 -17.22
N ASN A 208 27.29 3.15 -16.43
CA ASN A 208 27.64 1.73 -16.41
C ASN A 208 26.60 0.85 -17.08
N GLY A 209 25.65 1.42 -17.81
CA GLY A 209 24.67 0.62 -18.49
C GLY A 209 23.37 0.45 -17.74
N LEU A 210 23.23 1.08 -16.57
CA LEU A 210 22.04 1.00 -15.73
C LEU A 210 21.49 2.39 -15.45
N VAL A 211 20.17 2.48 -15.36
CA VAL A 211 19.50 3.71 -14.98
C VAL A 211 18.48 3.33 -13.93
N GLY A 212 18.05 4.31 -13.14
CA GLY A 212 17.11 4.03 -12.07
C GLY A 212 15.74 3.73 -12.64
N ALA A 213 15.09 2.69 -12.12
CA ALA A 213 13.79 2.30 -12.63
C ALA A 213 12.63 3.12 -12.07
N THR A 214 12.90 4.01 -11.11
CA THR A 214 11.87 4.83 -10.46
C THR A 214 12.55 6.15 -10.13
N ASP A 215 11.89 7.26 -10.45
CA ASP A 215 12.42 8.56 -10.11
C ASP A 215 12.05 8.92 -8.67
N PRO A 216 13.00 9.08 -7.76
CA PRO A 216 12.63 9.46 -6.39
C PRO A 216 11.92 10.80 -6.31
N ALA A 217 12.24 11.74 -7.20
CA ALA A 217 11.50 13.00 -7.21
C ALA A 217 10.02 12.77 -7.51
N LYS A 218 9.74 11.86 -8.43
CA LYS A 218 8.35 11.59 -8.78
C LYS A 218 7.58 11.10 -7.56
N ILE A 219 8.17 10.15 -6.82
CA ILE A 219 7.54 9.58 -5.63
C ILE A 219 7.30 10.64 -4.57
N LEU A 220 8.36 11.30 -4.13
CA LEU A 220 8.23 12.30 -3.08
C LEU A 220 7.25 13.40 -3.48
N LYS A 221 7.29 13.84 -4.74
CA LYS A 221 6.37 14.87 -5.20
C LYS A 221 4.92 14.41 -5.16
N GLY A 222 4.69 13.11 -5.35
CA GLY A 222 3.34 12.59 -5.17
C GLY A 222 2.85 12.78 -3.75
N LEU A 223 3.67 12.38 -2.77
CA LEU A 223 3.36 12.61 -1.36
C LEU A 223 3.02 14.07 -1.10
N LEU A 224 3.83 14.98 -1.64
CA LEU A 224 3.57 16.40 -1.43
C LEU A 224 2.24 16.85 -2.03
N ARG A 225 1.67 16.09 -2.97
CA ARG A 225 0.37 16.44 -3.51
C ARG A 225 -0.79 15.99 -2.62
N LEU A 226 -0.54 15.22 -1.55
CA LEU A 226 -1.63 14.86 -0.66
C LEU A 226 -2.12 16.02 0.19
N PHE A 227 -1.32 17.07 0.37
CA PHE A 227 -1.71 18.17 1.24
C PHE A 227 -1.13 19.47 0.71
N GLN A 228 -1.71 20.58 1.15
CA GLN A 228 -1.25 21.90 0.78
C GLN A 228 -0.14 22.34 1.74
N PRO A 229 1.10 22.43 1.29
CA PRO A 229 2.17 22.85 2.22
C PRO A 229 2.05 24.29 2.73
N GLY A 230 1.18 25.12 2.14
CA GLY A 230 0.96 26.44 2.70
C GLY A 230 0.30 26.40 4.06
N LEU A 231 -0.77 25.61 4.20
CA LEU A 231 -1.45 25.45 5.48
C LEU A 231 -0.66 24.55 6.41
N PRO A 232 -0.83 24.72 7.72
CA PRO A 232 -0.26 23.75 8.66
C PRO A 232 -0.87 22.36 8.48
N LEU A 233 -0.06 21.34 8.70
CA LEU A 233 -0.46 19.95 8.54
C LEU A 233 -0.51 19.27 9.91
N HIS A 234 -1.60 18.56 10.18
CA HIS A 234 -1.69 17.71 11.35
C HIS A 234 -1.64 16.25 10.95
N LEU A 235 -0.94 15.45 11.76
CA LEU A 235 -0.90 14.00 11.58
C LEU A 235 -1.53 13.34 12.80
N LEU A 236 -2.62 12.63 12.58
CA LEU A 236 -3.40 12.02 13.65
C LEU A 236 -3.05 10.53 13.72
N LYS A 237 -2.44 10.13 14.81
CA LYS A 237 -1.92 8.78 14.97
C LYS A 237 -2.08 8.37 16.43
N GLY A 238 -2.53 7.13 16.64
CA GLY A 238 -2.72 6.61 17.98
C GLY A 238 -1.79 5.46 18.33
N ASP A 239 -2.30 4.22 18.25
CA ASP A 239 -1.51 3.06 18.61
C ASP A 239 -0.44 2.70 17.58
N GLU A 240 -0.59 3.14 16.35
CA GLU A 240 0.37 2.80 15.31
C GLU A 240 1.68 3.56 15.52
N ALA A 241 2.79 2.82 15.56
CA ALA A 241 4.08 3.47 15.80
C ALA A 241 4.52 4.32 14.61
N GLY A 242 4.37 3.82 13.39
CA GLY A 242 4.77 4.58 12.22
C GLY A 242 6.20 4.32 11.82
N VAL A 243 6.44 4.39 10.50
CA VAL A 243 7.81 4.22 10.02
C VAL A 243 8.11 5.27 8.94
N ASP A 244 7.58 5.14 7.72
CA ASP A 244 7.82 6.17 6.69
C ASP A 244 7.34 7.55 7.14
N ILE A 245 6.29 7.60 7.98
CA ILE A 245 5.73 8.89 8.36
C ILE A 245 6.79 9.76 9.03
N HIS A 246 7.66 9.16 9.85
CA HIS A 246 8.71 9.90 10.53
C HIS A 246 9.84 10.28 9.57
N MET A 247 10.03 9.52 8.50
CA MET A 247 11.02 9.91 7.51
C MET A 247 10.53 11.12 6.70
N LEU A 248 9.25 11.13 6.34
CA LEU A 248 8.67 12.31 5.70
C LEU A 248 8.81 13.55 6.58
N VAL A 249 8.45 13.42 7.87
CA VAL A 249 8.50 14.55 8.78
C VAL A 249 9.94 15.05 8.93
N ASP A 250 10.89 14.13 8.95
CA ASP A 250 12.29 14.52 8.95
C ASP A 250 12.63 15.35 7.71
N PHE A 251 12.25 14.85 6.51
CA PHE A 251 12.61 15.54 5.27
C PHE A 251 11.93 16.90 5.18
N LEU A 252 10.66 16.98 5.59
CA LEU A 252 9.93 18.25 5.56
C LEU A 252 10.60 19.28 6.44
N ASP A 253 11.02 18.86 7.62
CA ASP A 253 11.68 19.76 8.57
C ASP A 253 12.97 20.31 7.99
N ARG A 254 13.87 19.43 7.55
CA ARG A 254 15.21 19.86 7.20
C ARG A 254 15.24 20.54 5.83
N TYR A 255 14.44 20.09 4.88
CA TYR A 255 14.56 20.64 3.54
C TYR A 255 13.55 21.73 3.23
N LEU A 256 12.34 21.69 3.81
CA LEU A 256 11.34 22.68 3.44
C LEU A 256 10.94 23.61 4.58
N GLY A 257 11.35 23.33 5.82
CA GLY A 257 10.90 24.14 6.93
C GLY A 257 9.46 23.90 7.32
N ILE A 258 8.87 22.80 6.87
CA ILE A 258 7.51 22.41 7.23
C ILE A 258 7.57 21.50 8.45
N THR A 259 6.83 21.85 9.51
CA THR A 259 6.80 21.02 10.72
C THR A 259 5.37 20.60 11.03
N PRO A 260 4.95 19.45 10.55
CA PRO A 260 3.63 18.95 10.92
C PRO A 260 3.58 18.63 12.41
N ARG A 261 2.38 18.75 12.98
CA ARG A 261 2.11 18.44 14.38
C ARG A 261 1.43 17.07 14.46
N PHE A 262 2.06 16.13 15.19
CA PHE A 262 1.43 14.86 15.54
C PHE A 262 0.39 15.09 16.64
N ILE A 263 -0.80 14.51 16.47
CA ILE A 263 -1.85 14.63 17.48
C ILE A 263 -2.51 13.27 17.64
N MET A 264 -3.08 13.06 18.81
CA MET A 264 -3.77 11.81 19.12
C MET A 264 -5.26 12.03 19.21
N PRO A 265 -6.06 10.97 19.01
CA PRO A 265 -7.52 11.11 19.12
C PRO A 265 -8.00 11.87 20.34
N ALA A 266 -7.40 11.65 21.52
CA ALA A 266 -7.84 12.39 22.70
C ALA A 266 -7.60 13.89 22.57
N ASP A 267 -6.67 14.32 21.72
CA ASP A 267 -6.39 15.74 21.58
C ASP A 267 -7.47 16.49 20.81
N LEU A 268 -8.42 15.80 20.18
CA LEU A 268 -9.36 16.46 19.29
C LEU A 268 -10.43 17.21 20.07
N ARG A 269 -10.85 18.36 19.52
CA ARG A 269 -11.97 19.13 20.06
C ARG A 269 -12.83 19.66 18.91
N LEU A 270 -14.11 19.91 19.21
CA LEU A 270 -15.01 20.57 18.27
C LEU A 270 -15.53 21.86 18.89
N LEU A 271 -15.59 22.92 18.11
CA LEU A 271 -16.16 24.19 18.52
C LEU A 271 -17.29 24.54 17.57
N HIS A 272 -18.41 25.02 18.11
CA HIS A 272 -19.57 25.38 17.28
C HIS A 272 -19.27 26.61 16.45
N GLU A 273 -19.52 26.54 15.16
CA GLU A 273 -19.19 27.65 14.28
C GLU A 273 -20.07 27.70 13.03
N PRO A 274 -20.97 28.70 12.90
CA PRO A 274 -21.79 28.82 11.68
C PRO A 274 -20.98 28.90 10.40
N GLN A 275 -20.19 29.96 10.25
CA GLN A 275 -19.43 30.21 9.02
C GLN A 275 -18.15 29.39 9.04
N ALA A 276 -18.28 28.10 8.79
CA ALA A 276 -17.14 27.20 8.74
C ALA A 276 -17.53 25.90 8.03
N LYS A 277 -16.51 25.15 7.62
CA LYS A 277 -16.72 23.88 6.93
C LYS A 277 -17.51 22.91 7.81
N GLY A 278 -18.69 22.52 7.34
CA GLY A 278 -19.54 21.62 8.10
C GLY A 278 -19.95 22.17 9.45
N GLY A 279 -20.09 23.49 9.58
CA GLY A 279 -20.67 24.11 10.77
C GLY A 279 -19.93 23.90 12.09
N TYR A 280 -18.65 23.54 12.03
CA TYR A 280 -17.84 23.31 13.22
C TYR A 280 -16.41 23.73 12.96
N LYS A 281 -15.70 23.96 14.05
CA LYS A 281 -14.27 24.19 14.03
C LYS A 281 -13.60 22.96 14.64
N LEU A 282 -12.86 22.21 13.83
CA LEU A 282 -12.10 21.07 14.33
C LEU A 282 -10.79 21.58 14.93
N CYS A 283 -10.54 21.24 16.19
CA CYS A 283 -9.37 21.74 16.89
C CYS A 283 -8.62 20.60 17.56
N CYS A 284 -7.41 20.90 18.03
CA CYS A 284 -6.65 19.93 18.82
C CYS A 284 -5.93 20.65 19.94
N VAL A 285 -5.64 19.92 21.03
CA VAL A 285 -4.84 20.50 22.10
C VAL A 285 -3.41 20.73 21.60
N VAL A 286 -2.77 21.77 22.15
CA VAL A 286 -1.41 22.15 21.78
C VAL A 286 -0.50 21.84 22.96
N LYS A 287 0.46 20.93 22.75
CA LYS A 287 1.38 20.52 23.80
C LYS A 287 2.56 21.48 23.93
N ASN A 288 2.99 22.10 22.83
CA ASN A 288 4.10 23.04 22.85
C ASN A 288 3.61 24.46 22.55
N PRO A 289 2.85 25.07 23.46
CA PRO A 289 2.20 26.35 23.13
C PRO A 289 3.14 27.53 23.02
N ASP A 290 4.33 27.48 23.62
CA ASP A 290 5.23 28.63 23.56
C ASP A 290 5.79 28.85 22.15
N SER A 291 5.99 27.80 21.38
CA SER A 291 6.60 27.92 20.06
C SER A 291 5.59 28.28 18.97
N CYS A 292 4.36 28.64 19.33
CA CYS A 292 3.29 28.91 18.37
C CYS A 292 3.00 30.41 18.29
N ASP A 293 2.48 30.84 17.16
CA ASP A 293 1.94 32.18 17.03
C ASP A 293 0.82 32.32 18.06
N PRO A 294 0.95 33.20 19.06
CA PRO A 294 -0.11 33.32 20.07
C PRO A 294 -1.46 33.69 19.49
N ALA A 295 -1.48 34.27 18.28
CA ALA A 295 -2.72 34.61 17.61
C ALA A 295 -3.37 33.42 16.91
N THR A 296 -2.75 32.24 16.94
CA THR A 296 -3.37 31.04 16.39
C THR A 296 -4.05 30.19 17.46
N LEU A 297 -3.94 30.59 18.73
CA LEU A 297 -4.35 29.75 19.84
C LEU A 297 -5.72 30.14 20.38
N ILE A 298 -6.48 29.13 20.81
CA ILE A 298 -7.77 29.30 21.44
C ILE A 298 -7.69 28.72 22.84
N TYR A 299 -8.06 29.53 23.84
CA TYR A 299 -8.16 29.09 25.24
C TYR A 299 -9.61 28.78 25.51
N HIS A 300 -9.94 27.49 25.53
CA HIS A 300 -11.31 27.06 25.67
C HIS A 300 -11.42 25.90 26.67
N ASP A 301 -12.28 26.07 27.67
CA ASP A 301 -12.61 25.01 28.65
C ASP A 301 -11.36 24.35 29.25
N GLY A 302 -10.40 25.17 29.65
CA GLY A 302 -9.15 24.69 30.20
C GLY A 302 -8.15 24.14 29.19
N ASP A 303 -8.51 24.10 27.91
CA ASP A 303 -7.63 23.59 26.86
C ASP A 303 -7.01 24.73 26.06
N ILE A 304 -5.77 24.54 25.63
CA ILE A 304 -5.15 25.42 24.64
C ILE A 304 -5.26 24.76 23.27
N LEU A 305 -6.04 25.35 22.38
CA LEU A 305 -6.34 24.74 21.10
C LEU A 305 -5.71 25.49 19.93
N GLU A 306 -5.43 24.76 18.86
CA GLU A 306 -5.23 25.33 17.54
C GLU A 306 -6.18 24.64 16.58
N GLU A 307 -6.49 25.32 15.48
CA GLU A 307 -7.45 24.80 14.52
C GLU A 307 -6.78 23.83 13.53
N ILE A 308 -7.55 22.85 13.08
CA ILE A 308 -7.10 21.86 12.11
C ILE A 308 -7.75 22.15 10.76
N HIS A 309 -6.92 22.40 9.75
CA HIS A 309 -7.41 22.59 8.38
C HIS A 309 -7.26 21.34 7.52
N GLN A 310 -6.18 20.59 7.69
CA GLN A 310 -5.93 19.39 6.91
C GLN A 310 -5.22 18.39 7.82
N VAL A 311 -5.66 17.14 7.80
CA VAL A 311 -5.10 16.13 8.69
C VAL A 311 -4.88 14.83 7.93
N GLY A 312 -3.69 14.26 8.09
CA GLY A 312 -3.38 12.94 7.53
C GLY A 312 -3.62 11.86 8.56
N LEU A 313 -4.24 10.78 8.13
CA LEU A 313 -4.71 9.75 9.01
C LEU A 313 -3.75 8.58 9.03
N GLU A 314 -3.28 8.21 10.21
CA GLU A 314 -2.54 6.97 10.43
C GLU A 314 -3.20 6.17 11.57
N LEU A 315 -4.49 5.91 11.41
CA LEU A 315 -5.31 5.24 12.42
C LEU A 315 -5.77 3.87 11.96
N HIS A 316 -5.93 2.98 12.95
CA HIS A 316 -6.58 1.69 12.75
C HIS A 316 -8.09 1.87 12.62
N GLN A 317 -8.72 0.95 11.91
CA GLN A 317 -10.17 1.02 11.71
C GLN A 317 -10.92 1.11 13.03
N ARG A 318 -10.50 0.34 14.04
CA ARG A 318 -11.19 0.41 15.34
C ARG A 318 -11.03 1.78 15.97
N GLU A 319 -9.84 2.39 15.85
CA GLU A 319 -9.64 3.73 16.37
C GLU A 319 -10.57 4.72 15.68
N ILE A 320 -10.70 4.60 14.35
CA ILE A 320 -11.66 5.43 13.62
C ILE A 320 -13.08 5.19 14.13
N ARG A 321 -13.43 3.93 14.39
CA ARG A 321 -14.77 3.62 14.86
C ARG A 321 -15.02 4.22 16.23
N ALA A 322 -13.96 4.41 17.03
CA ALA A 322 -14.07 4.91 18.40
C ALA A 322 -14.29 6.42 18.48
N LEU A 323 -14.19 7.15 17.37
CA LEU A 323 -14.43 8.58 17.41
C LEU A 323 -15.91 8.87 17.61
N GLU A 324 -16.20 9.96 18.30
CA GLU A 324 -17.59 10.39 18.40
C GLU A 324 -18.11 10.71 17.00
N PRO A 325 -19.36 10.36 16.68
CA PRO A 325 -19.81 10.45 15.28
C PRO A 325 -19.67 11.81 14.64
N GLU A 326 -19.91 12.90 15.38
CA GLU A 326 -19.71 14.23 14.81
C GLU A 326 -18.23 14.53 14.64
N MET A 327 -17.41 14.12 15.60
CA MET A 327 -15.98 14.22 15.44
C MET A 327 -15.52 13.47 14.20
N LEU A 328 -16.16 12.33 13.92
CA LEU A 328 -15.76 11.52 12.77
C LEU A 328 -16.17 12.18 11.46
N ARG A 329 -17.35 12.81 11.41
CA ARG A 329 -17.74 13.53 10.21
C ARG A 329 -16.84 14.72 9.96
N GLN A 330 -16.40 15.39 11.02
CA GLN A 330 -15.54 16.55 10.83
C GLN A 330 -14.14 16.15 10.36
N ILE A 331 -13.63 15.00 10.81
CA ILE A 331 -12.39 14.46 10.25
C ILE A 331 -12.54 14.20 8.76
N SER A 332 -13.65 13.57 8.37
CA SER A 332 -13.85 13.19 6.97
C SER A 332 -13.80 14.39 6.04
N LEU A 333 -14.22 15.56 6.49
CA LEU A 333 -14.16 16.71 5.60
C LEU A 333 -12.75 17.24 5.42
N ARG A 334 -11.81 16.83 6.26
CA ARG A 334 -10.49 17.47 6.28
C ARG A 334 -9.35 16.49 6.11
N CYS A 335 -9.61 15.22 5.83
CA CYS A 335 -8.59 14.20 6.00
C CYS A 335 -8.11 13.61 4.67
N PHE A 336 -6.90 13.06 4.70
CA PHE A 336 -6.38 12.18 3.66
C PHE A 336 -5.70 11.01 4.36
N ASN A 337 -5.88 9.77 3.87
CA ASN A 337 -6.75 9.39 2.75
C ASN A 337 -8.23 9.59 3.08
N ASP A 338 -9.00 9.78 2.02
CA ASP A 338 -10.44 9.83 2.12
C ASP A 338 -10.97 8.55 2.77
N MET A 339 -12.07 8.67 3.50
CA MET A 339 -12.59 7.52 4.26
C MET A 339 -13.04 6.40 3.34
N ARG A 340 -13.40 6.73 2.10
CA ARG A 340 -13.76 5.69 1.15
C ARG A 340 -12.53 4.87 0.76
N THR A 341 -11.38 5.52 0.64
CA THR A 341 -10.14 4.79 0.40
C THR A 341 -9.77 3.90 1.59
N ILE A 342 -9.85 4.46 2.80
CA ILE A 342 -9.45 3.72 4.00
C ILE A 342 -10.39 2.53 4.26
N LEU A 343 -11.71 2.72 4.08
CA LEU A 343 -12.69 1.71 4.42
C LEU A 343 -13.04 0.75 3.27
N LEU A 344 -12.96 1.20 2.02
CA LEU A 344 -13.33 0.35 0.90
C LEU A 344 -12.13 -0.19 0.13
N VAL A 345 -11.20 0.67 -0.28
CA VAL A 345 -10.12 0.23 -1.15
C VAL A 345 -9.09 -0.60 -0.39
N HIS A 346 -8.87 -0.31 0.90
CA HIS A 346 -7.87 -1.04 1.65
C HIS A 346 -8.33 -2.46 2.01
N ASP A 347 -9.63 -2.68 2.11
CA ASP A 347 -10.17 -3.96 2.55
C ASP A 347 -9.81 -5.06 1.55
N LYS A 348 -9.22 -6.15 2.05
CA LYS A 348 -8.79 -7.21 1.12
C LYS A 348 -9.95 -7.82 0.34
N ARG A 349 -11.18 -7.71 0.83
CA ARG A 349 -12.33 -8.25 0.10
C ARG A 349 -12.60 -7.50 -1.20
N MET A 350 -12.15 -6.25 -1.34
CA MET A 350 -12.39 -5.48 -2.56
C MET A 350 -11.75 -6.16 -3.76
N LEU A 351 -10.64 -6.87 -3.56
CA LEU A 351 -10.09 -7.67 -4.65
C LEU A 351 -11.06 -8.76 -5.08
N GLY A 352 -11.84 -9.29 -4.14
CA GLY A 352 -12.90 -10.23 -4.50
C GLY A 352 -14.04 -9.57 -5.24
N ILE A 353 -14.42 -8.35 -4.85
CA ILE A 353 -15.51 -7.64 -5.54
C ILE A 353 -15.12 -7.32 -6.98
N VAL A 354 -13.87 -6.88 -7.19
CA VAL A 354 -13.44 -6.58 -8.56
C VAL A 354 -13.60 -7.80 -9.46
N ARG A 355 -13.22 -8.98 -8.96
CA ARG A 355 -13.36 -10.17 -9.80
C ARG A 355 -14.82 -10.47 -10.06
N GLN A 356 -15.69 -10.30 -9.06
CA GLN A 356 -17.11 -10.49 -9.30
C GLN A 356 -17.62 -9.57 -10.40
N GLU A 357 -17.10 -8.34 -10.46
CA GLU A 357 -17.63 -7.30 -11.33
C GLU A 357 -17.08 -7.32 -12.75
N LEU A 358 -16.09 -8.15 -13.07
CA LEU A 358 -15.37 -7.99 -14.34
C LEU A 358 -16.32 -8.00 -15.54
N GLU A 359 -17.25 -8.96 -15.58
CA GLU A 359 -18.16 -9.02 -16.72
C GLU A 359 -19.08 -7.80 -16.74
N ASN A 360 -19.52 -7.36 -15.56
CA ASN A 360 -20.36 -6.16 -15.49
C ASN A 360 -19.57 -4.91 -15.85
N LEU A 361 -18.30 -4.85 -15.48
CA LEU A 361 -17.51 -3.67 -15.80
C LEU A 361 -17.24 -3.54 -17.30
N VAL A 362 -17.22 -4.64 -18.05
CA VAL A 362 -17.08 -4.46 -19.50
C VAL A 362 -18.43 -4.12 -20.12
N ALA A 363 -19.53 -4.63 -19.56
CA ALA A 363 -20.85 -4.28 -20.05
C ALA A 363 -21.11 -2.79 -19.93
N ARG A 364 -20.60 -2.15 -18.89
CA ARG A 364 -20.79 -0.71 -18.70
C ARG A 364 -19.72 0.12 -19.40
N ASN A 365 -18.91 -0.47 -20.27
CA ASN A 365 -17.83 0.24 -20.94
C ASN A 365 -16.83 0.84 -19.97
N VAL A 366 -16.77 0.34 -18.74
CA VAL A 366 -15.77 0.83 -17.79
C VAL A 366 -14.41 0.22 -18.10
N LEU A 367 -14.39 -1.05 -18.48
CA LEU A 367 -13.18 -1.74 -18.90
C LEU A 367 -13.33 -2.18 -20.34
N THR A 368 -12.25 -2.10 -21.12
CA THR A 368 -12.24 -2.84 -22.36
C THR A 368 -12.13 -4.33 -22.05
N LEU A 369 -12.33 -5.15 -23.07
CA LEU A 369 -12.29 -6.59 -22.86
C LEU A 369 -10.91 -7.03 -22.39
N SER A 370 -9.85 -6.52 -23.04
CA SER A 370 -8.49 -6.89 -22.68
C SER A 370 -8.11 -6.34 -21.31
N GLN A 371 -8.65 -5.18 -20.93
CA GLN A 371 -8.44 -4.70 -19.58
C GLN A 371 -9.05 -5.64 -18.54
N ALA A 372 -10.20 -6.23 -18.85
CA ALA A 372 -10.79 -7.19 -17.93
C ALA A 372 -9.91 -8.43 -17.82
N LYS A 373 -9.33 -8.87 -18.93
CA LYS A 373 -8.41 -10.00 -18.90
C LYS A 373 -7.11 -9.66 -18.19
N ILE A 374 -6.64 -8.41 -18.30
CA ILE A 374 -5.49 -7.98 -17.52
C ILE A 374 -5.77 -8.08 -16.03
N LEU A 375 -6.92 -7.56 -15.60
CA LEU A 375 -7.31 -7.66 -14.19
C LEU A 375 -7.46 -9.11 -13.74
N ASP A 376 -8.06 -9.95 -14.58
CA ASP A 376 -8.27 -11.34 -14.19
C ASP A 376 -6.95 -12.07 -14.00
N LYS A 377 -5.92 -11.70 -14.78
CA LYS A 377 -4.57 -12.23 -14.60
C LYS A 377 -3.80 -11.56 -13.46
N GLY A 378 -4.26 -10.40 -12.96
CA GLY A 378 -3.51 -9.61 -11.99
C GLY A 378 -3.99 -9.71 -10.55
N ILE A 379 -5.13 -10.35 -10.35
CA ILE A 379 -5.71 -10.59 -9.03
C ILE A 379 -5.89 -12.09 -8.89
N PRO A 380 -5.36 -12.73 -7.86
CA PRO A 380 -5.61 -14.16 -7.68
C PRO A 380 -7.09 -14.43 -7.43
N GLU A 381 -7.52 -15.63 -7.81
CA GLU A 381 -8.87 -16.09 -7.50
C GLU A 381 -9.16 -15.90 -6.02
N THR A 382 -10.23 -15.16 -5.73
CA THR A 382 -10.59 -14.81 -4.37
C THR A 382 -12.07 -15.11 -4.16
N ILE A 383 -12.36 -15.91 -3.13
CA ILE A 383 -13.72 -16.33 -2.79
C ILE A 383 -14.20 -15.52 -1.59
N LEU A 384 -15.34 -14.93 -1.70
CA LEU A 384 -15.78 -14.08 -0.61
C LEU A 384 -16.68 -14.85 0.36
N PRO A 385 -16.74 -14.44 1.63
CA PRO A 385 -17.69 -15.08 2.55
C PRO A 385 -19.12 -14.73 2.16
N GLY A 386 -20.01 -15.71 2.34
CA GLY A 386 -21.39 -15.53 1.98
C GLY A 386 -21.66 -15.50 0.50
N SER A 387 -20.69 -15.90 -0.31
CA SER A 387 -20.91 -15.95 -1.74
C SER A 387 -21.37 -17.34 -2.14
N LEU A 388 -22.00 -17.39 -3.31
CA LEU A 388 -22.25 -18.68 -3.95
C LEU A 388 -20.93 -19.38 -4.22
N ASP A 389 -19.90 -18.61 -4.59
CA ASP A 389 -18.56 -19.16 -4.79
C ASP A 389 -18.13 -20.01 -3.59
N LEU A 390 -18.27 -19.46 -2.38
CA LEU A 390 -17.91 -20.19 -1.17
C LEU A 390 -18.79 -21.40 -0.94
N ASP A 391 -20.00 -21.41 -1.51
CA ASP A 391 -20.83 -22.60 -1.41
C ASP A 391 -20.37 -23.69 -2.36
N GLN A 392 -20.12 -23.35 -3.63
CA GLN A 392 -19.59 -24.33 -4.57
C GLN A 392 -18.20 -24.79 -4.16
N ALA A 393 -17.45 -23.94 -3.47
CA ALA A 393 -16.15 -24.35 -2.94
C ALA A 393 -16.32 -25.50 -1.94
N ILE A 394 -17.21 -25.32 -0.97
CA ILE A 394 -17.44 -26.36 0.04
C ILE A 394 -17.83 -27.67 -0.63
N ALA A 395 -18.71 -27.61 -1.65
CA ALA A 395 -19.10 -28.81 -2.35
C ALA A 395 -17.92 -29.43 -3.07
N ARG A 396 -17.12 -28.60 -3.75
CA ARG A 396 -16.01 -29.13 -4.54
C ARG A 396 -14.97 -29.80 -3.64
N CYS A 397 -14.75 -29.26 -2.43
CA CYS A 397 -13.78 -29.84 -1.52
C CYS A 397 -14.32 -31.09 -0.83
N LYS A 398 -15.65 -31.23 -0.71
CA LYS A 398 -16.22 -32.47 -0.20
C LYS A 398 -16.04 -33.60 -1.22
N GLU A 399 -16.07 -33.27 -2.50
CA GLU A 399 -15.87 -34.27 -3.55
C GLU A 399 -14.41 -34.43 -3.96
N MET A 400 -13.52 -33.54 -3.52
CA MET A 400 -12.10 -33.60 -3.91
C MET A 400 -11.24 -33.03 -2.77
N PRO A 401 -11.02 -33.81 -1.72
CA PRO A 401 -10.30 -33.27 -0.55
C PRO A 401 -8.89 -32.77 -0.86
N GLU A 402 -8.23 -33.30 -1.89
CA GLU A 402 -6.91 -32.82 -2.26
C GLU A 402 -6.91 -31.36 -2.70
N LEU A 403 -8.09 -30.77 -2.90
CA LEU A 403 -8.20 -29.40 -3.42
C LEU A 403 -7.71 -28.37 -2.42
N LYS A 404 -7.94 -28.58 -1.12
CA LYS A 404 -7.65 -27.59 -0.09
C LYS A 404 -6.20 -27.13 -0.09
N ASP A 405 -5.30 -27.91 -0.68
CA ASP A 405 -3.89 -27.52 -0.68
C ASP A 405 -3.64 -26.35 -1.62
N GLU A 406 -4.48 -26.19 -2.63
CA GLU A 406 -4.34 -25.13 -3.61
C GLU A 406 -4.82 -23.77 -3.11
N TYR A 407 -5.35 -23.67 -1.90
CA TYR A 407 -5.94 -22.43 -1.42
C TYR A 407 -5.37 -22.06 -0.06
N ILE A 408 -5.65 -20.83 0.34
CA ILE A 408 -5.26 -20.30 1.64
C ILE A 408 -6.42 -19.49 2.21
N LEU A 409 -6.27 -19.12 3.48
CA LEU A 409 -7.28 -18.39 4.24
C LEU A 409 -6.62 -17.12 4.79
N LYS A 410 -6.83 -16.00 4.11
CA LYS A 410 -6.27 -14.73 4.59
C LYS A 410 -7.29 -14.01 5.47
N PRO A 411 -6.85 -13.41 6.56
CA PRO A 411 -7.78 -12.64 7.41
C PRO A 411 -7.95 -11.23 6.89
N ILE A 412 -9.15 -10.69 7.07
CA ILE A 412 -9.39 -9.28 6.82
C ILE A 412 -9.62 -8.65 8.19
N ARG A 413 -8.88 -7.57 8.48
CA ARG A 413 -8.81 -6.99 9.83
C ARG A 413 -8.44 -8.02 10.89
N GLY A 419 -1.23 -13.46 9.44
CA GLY A 419 -1.86 -14.63 10.03
C GLY A 419 -2.53 -15.56 9.02
N ILE A 420 -1.88 -15.73 7.87
CA ILE A 420 -2.44 -16.52 6.78
C ILE A 420 -2.45 -18.00 7.15
N VAL A 421 -3.40 -18.75 6.58
CA VAL A 421 -3.64 -20.15 6.91
C VAL A 421 -3.69 -20.96 5.61
N PHE A 422 -2.73 -21.87 5.43
CA PHE A 422 -2.65 -22.70 4.24
C PHE A 422 -3.44 -23.99 4.39
N GLY A 423 -4.12 -24.39 3.30
CA GLY A 423 -4.98 -25.57 3.36
C GLY A 423 -4.20 -26.87 3.37
N GLU A 424 -2.98 -26.86 2.82
CA GLU A 424 -2.10 -28.03 2.90
C GLU A 424 -1.54 -28.23 4.30
N ASP A 425 -1.71 -27.27 5.21
CA ASP A 425 -1.27 -27.38 6.60
C ASP A 425 -2.42 -27.69 7.56
N LEU A 426 -3.53 -28.21 7.04
CA LEU A 426 -4.70 -28.54 7.83
C LEU A 426 -5.29 -29.83 7.28
N ASN A 427 -5.97 -30.56 8.16
CA ASN A 427 -6.67 -31.76 7.72
C ASN A 427 -7.94 -31.38 6.98
N SER A 428 -8.43 -32.29 6.15
CA SER A 428 -9.66 -32.03 5.42
C SER A 428 -10.84 -31.80 6.35
N GLU A 429 -10.86 -32.45 7.52
CA GLU A 429 -11.97 -32.24 8.45
C GLU A 429 -11.98 -30.82 8.99
N GLU A 430 -10.80 -30.28 9.34
CA GLU A 430 -10.75 -28.92 9.85
C GLU A 430 -10.89 -27.87 8.75
N TRP A 431 -10.60 -28.23 7.49
CA TRP A 431 -10.68 -27.26 6.39
C TRP A 431 -12.13 -26.95 6.04
N ILE A 432 -12.93 -27.98 5.76
CA ILE A 432 -14.35 -27.76 5.54
C ILE A 432 -15.00 -27.11 6.75
N SER A 433 -14.42 -27.28 7.93
CA SER A 433 -14.96 -26.60 9.11
C SER A 433 -14.82 -25.09 8.98
N ARG A 434 -13.59 -24.62 8.75
CA ARG A 434 -13.36 -23.20 8.53
C ARG A 434 -14.28 -22.65 7.44
N LEU A 435 -14.29 -23.30 6.27
CA LEU A 435 -15.14 -22.85 5.18
C LEU A 435 -16.61 -22.83 5.58
N GLU A 436 -17.06 -23.83 6.34
CA GLU A 436 -18.45 -23.85 6.77
C GLU A 436 -18.79 -22.66 7.65
N GLY A 437 -17.81 -22.09 8.34
CA GLY A 437 -18.04 -20.91 9.14
C GLY A 437 -17.98 -19.59 8.41
N LEU A 438 -17.80 -19.61 7.08
CA LEU A 438 -17.71 -18.39 6.28
C LEU A 438 -18.94 -18.19 5.39
N ARG A 439 -20.03 -18.89 5.66
CA ARG A 439 -21.20 -18.86 4.80
C ARG A 439 -22.07 -17.61 4.99
N SER A 440 -21.69 -16.69 5.87
CA SER A 440 -22.36 -15.41 5.98
C SER A 440 -21.32 -14.30 5.79
N ALA A 441 -21.70 -13.25 5.06
CA ALA A 441 -20.75 -12.20 4.70
C ALA A 441 -20.50 -11.21 5.84
N GLN A 442 -21.33 -11.20 6.87
CA GLN A 442 -21.18 -10.34 8.05
C GLN A 442 -19.79 -10.41 8.66
N LEU A 443 -19.42 -9.38 9.42
CA LEU A 443 -18.18 -9.38 10.19
C LEU A 443 -18.45 -9.76 11.64
N ILE A 444 -17.53 -10.51 12.23
CA ILE A 444 -17.57 -10.74 13.68
C ILE A 444 -17.59 -9.38 14.39
N PRO A 445 -18.47 -9.18 15.37
CA PRO A 445 -18.63 -7.84 15.98
C PRO A 445 -17.32 -7.38 16.61
N GLY A 446 -16.81 -6.26 16.11
CA GLY A 446 -15.51 -5.78 16.50
C GLY A 446 -14.34 -6.49 15.84
N GLY A 447 -14.58 -7.50 15.00
CA GLY A 447 -13.52 -8.22 14.32
C GLY A 447 -13.64 -8.20 12.81
N GLY A 448 -13.34 -9.34 12.19
CA GLY A 448 -13.48 -9.48 10.75
C GLY A 448 -13.98 -10.83 10.25
N THR A 449 -13.40 -11.28 9.15
CA THR A 449 -13.69 -12.57 8.53
C THR A 449 -12.43 -12.98 7.78
N CYS A 450 -12.54 -14.06 7.01
CA CYS A 450 -11.48 -14.49 6.10
C CYS A 450 -11.97 -14.39 4.67
N ILE A 451 -11.03 -14.26 3.74
CA ILE A 451 -11.28 -14.58 2.34
C ILE A 451 -10.51 -15.84 2.01
N VAL A 452 -11.01 -16.60 1.04
CA VAL A 452 -10.33 -17.80 0.56
C VAL A 452 -9.67 -17.44 -0.75
N GLN A 453 -8.33 -17.52 -0.80
CA GLN A 453 -7.57 -17.15 -1.98
C GLN A 453 -6.81 -18.35 -2.50
N ARG A 454 -6.65 -18.42 -3.81
CA ARG A 454 -5.81 -19.44 -4.40
C ARG A 454 -4.35 -19.16 -4.05
N LYS A 455 -3.61 -20.22 -3.73
CA LYS A 455 -2.19 -20.10 -3.41
C LYS A 455 -1.41 -19.79 -4.69
N VAL A 456 -0.70 -18.68 -4.69
CA VAL A 456 0.22 -18.36 -5.78
C VAL A 456 1.49 -19.18 -5.61
N LYS A 457 1.89 -19.87 -6.68
CA LYS A 457 3.13 -20.65 -6.70
C LYS A 457 4.25 -19.72 -7.15
N GLN A 458 4.95 -19.13 -6.17
CA GLN A 458 5.92 -18.09 -6.45
C GLN A 458 7.20 -18.65 -7.06
N LEU A 459 7.77 -17.88 -7.99
CA LEU A 459 9.09 -18.17 -8.51
C LEU A 459 10.14 -17.93 -7.43
N LEU A 460 11.26 -18.64 -7.53
CA LEU A 460 12.40 -18.42 -6.66
C LEU A 460 13.51 -17.74 -7.43
N TYR A 461 14.27 -16.89 -6.74
CA TYR A 461 15.32 -16.09 -7.35
C TYR A 461 16.59 -16.24 -6.55
N ASP A 462 17.72 -16.23 -7.26
CA ASP A 462 19.03 -16.14 -6.63
C ASP A 462 19.23 -14.74 -6.06
N VAL A 463 19.57 -14.64 -4.78
CA VAL A 463 19.69 -13.35 -4.13
C VAL A 463 20.85 -13.42 -3.14
N VAL A 464 21.45 -12.26 -2.88
CA VAL A 464 22.44 -12.10 -1.83
C VAL A 464 22.01 -10.87 -1.06
N LEU A 465 21.27 -11.07 0.02
CA LEU A 465 20.49 -10.03 0.68
C LEU A 465 21.24 -9.31 1.79
N ARG A 466 22.19 -9.96 2.47
CA ARG A 466 22.90 -9.37 3.59
C ARG A 466 24.38 -9.24 3.28
N PRO A 467 25.10 -8.38 4.00
CA PRO A 467 26.54 -8.28 3.77
C PRO A 467 27.30 -9.54 4.17
N THR A 468 26.62 -10.55 4.70
CA THR A 468 27.25 -11.83 4.95
C THR A 468 27.68 -12.53 3.66
N GLY A 469 27.15 -12.11 2.52
CA GLY A 469 27.43 -12.76 1.25
C GLY A 469 26.72 -14.07 0.99
N VAL A 470 25.78 -14.48 1.84
CA VAL A 470 25.13 -15.78 1.67
C VAL A 470 24.15 -15.69 0.50
N LYS A 471 24.47 -16.38 -0.59
CA LYS A 471 23.53 -16.57 -1.68
C LYS A 471 22.42 -17.57 -1.31
N THR A 472 21.18 -17.15 -1.45
CA THR A 472 20.01 -17.99 -1.20
C THR A 472 19.09 -17.94 -2.41
N ARG A 473 17.96 -18.63 -2.27
CA ARG A 473 17.03 -18.79 -3.39
C ARG A 473 15.64 -18.56 -2.81
N TYR A 474 15.21 -17.31 -2.81
CA TYR A 474 14.01 -16.81 -2.15
C TYR A 474 13.05 -16.23 -3.19
N PRO A 475 11.77 -16.10 -2.85
CA PRO A 475 10.86 -15.33 -3.70
C PRO A 475 11.03 -13.84 -3.50
N LEU A 476 10.50 -13.09 -4.46
CA LEU A 476 10.54 -11.64 -4.46
C LEU A 476 9.14 -11.10 -4.27
N ILE A 477 8.98 -10.19 -3.33
CA ILE A 477 7.71 -9.52 -3.06
C ILE A 477 7.86 -8.09 -3.55
N GLY A 478 6.97 -7.68 -4.45
CA GLY A 478 7.04 -6.38 -5.06
C GLY A 478 5.92 -5.46 -4.58
N THR A 479 6.10 -4.18 -4.91
CA THR A 479 5.09 -3.20 -4.58
C THR A 479 5.27 -2.02 -5.54
N TYR A 480 4.23 -1.21 -5.66
CA TYR A 480 4.30 -0.02 -6.50
C TYR A 480 3.37 1.04 -5.92
N HIS A 481 3.59 2.27 -6.38
CA HIS A 481 3.07 3.47 -5.74
C HIS A 481 2.10 4.18 -6.65
N SER A 482 0.93 4.51 -6.09
CA SER A 482 -0.05 5.31 -6.78
C SER A 482 -0.46 6.47 -5.90
N ILE A 483 -0.59 7.65 -6.51
CA ILE A 483 -1.21 8.81 -5.88
C ILE A 483 -2.32 9.29 -6.79
N ASN A 484 -3.56 9.33 -6.26
CA ASN A 484 -4.71 9.85 -7.01
C ASN A 484 -4.86 9.16 -8.37
N GLY A 485 -4.57 7.86 -8.42
CA GLY A 485 -4.72 7.09 -9.63
C GLY A 485 -3.51 7.05 -10.53
N GLU A 486 -2.52 7.93 -10.32
CA GLU A 486 -1.34 7.99 -11.16
C GLU A 486 -0.29 7.00 -10.68
N PHE A 487 0.14 6.11 -11.57
CA PHE A 487 1.28 5.22 -11.30
C PHE A 487 2.54 6.07 -11.14
N LEU A 488 3.23 5.90 -10.01
CA LEU A 488 4.43 6.67 -9.77
C LEU A 488 5.71 5.86 -9.92
N GLY A 489 5.66 4.56 -9.75
CA GLY A 489 6.85 3.76 -9.88
C GLY A 489 6.77 2.48 -9.09
N VAL A 490 7.57 1.50 -9.51
CA VAL A 490 7.76 0.31 -8.69
C VAL A 490 8.37 0.72 -7.36
N GLY A 491 7.93 0.06 -6.28
CA GLY A 491 8.47 0.31 -4.95
C GLY A 491 9.56 -0.68 -4.60
N VAL A 492 9.98 -0.65 -3.33
CA VAL A 492 11.08 -1.50 -2.91
C VAL A 492 10.73 -2.98 -3.07
N TRP A 493 11.74 -3.79 -3.32
CA TRP A 493 11.64 -5.24 -3.32
C TRP A 493 11.97 -5.80 -1.94
N ARG A 494 11.28 -6.84 -1.54
CA ARG A 494 11.48 -7.49 -0.27
C ARG A 494 11.61 -8.98 -0.52
N SER A 495 12.26 -9.70 0.38
CA SER A 495 12.41 -11.12 0.12
C SER A 495 12.13 -12.00 1.30
N ALA A 502 8.14 -8.08 5.12
CA ALA A 502 8.03 -6.80 5.82
C ALA A 502 9.38 -6.33 6.33
N ILE A 503 9.73 -5.07 5.99
CA ILE A 503 11.00 -4.51 6.45
C ILE A 503 10.97 -4.29 7.96
N SER A 504 9.77 -4.11 8.51
CA SER A 504 9.60 -3.84 9.93
C SER A 504 9.95 -5.06 10.78
N HIS A 505 9.55 -6.26 10.35
CA HIS A 505 9.89 -7.48 11.06
C HIS A 505 11.28 -8.03 10.68
N GLY A 506 12.19 -7.18 10.20
CA GLY A 506 13.58 -7.53 9.97
C GLY A 506 14.01 -7.67 8.53
N GLY A 507 13.10 -7.58 7.57
CA GLY A 507 13.37 -8.09 6.23
C GLY A 507 14.34 -7.23 5.45
N ALA A 508 15.20 -7.90 4.68
CA ALA A 508 16.11 -7.22 3.75
C ALA A 508 15.33 -6.64 2.59
N TRP A 509 15.77 -5.49 2.10
CA TRP A 509 15.06 -4.82 1.00
C TRP A 509 16.05 -4.17 0.06
N THR A 510 15.59 -3.86 -1.15
CA THR A 510 16.40 -3.11 -2.10
C THR A 510 15.50 -2.41 -3.12
N VAL A 511 16.12 -1.69 -4.06
CA VAL A 511 15.37 -0.98 -5.10
C VAL A 511 15.80 -1.41 -6.49
N SER A 512 15.36 -0.67 -7.51
CA SER A 512 15.29 -1.18 -8.88
C SER A 512 16.16 -0.39 -9.86
N VAL A 513 16.66 -1.09 -10.88
CA VAL A 513 17.38 -0.49 -11.99
C VAL A 513 16.87 -1.10 -13.29
N MET A 514 17.19 -0.42 -14.40
CA MET A 514 16.88 -0.87 -15.75
C MET A 514 18.13 -0.80 -16.62
N ARG A 515 18.21 -1.70 -17.59
CA ARG A 515 19.23 -1.57 -18.62
C ARG A 515 19.07 -0.23 -19.34
N ASP A 516 20.19 0.33 -19.76
CA ASP A 516 20.25 1.67 -20.35
C ASP A 516 20.19 1.54 -21.88
N GLU A 517 18.99 1.23 -22.37
CA GLU A 517 18.79 0.89 -23.78
C GLU A 517 17.36 1.18 -24.26
#